data_6KGU
#
_entry.id   6KGU
#
_cell.length_a   96.900
_cell.length_b   84.640
_cell.length_c   90.220
_cell.angle_alpha   90.000
_cell.angle_beta   111.950
_cell.angle_gamma   90.000
#
_symmetry.space_group_name_H-M   'C 1 2 1'
#
loop_
_entity.id
_entity.type
_entity.pdbx_description
1 polymer 'Penicillin-binding protein PbpB'
2 non-polymer '2-({[(1Z)-1-(2-amino-1,3-thiazol-4-yl)-2-oxo-2-{[(2S,3S)-1-oxo-3-(sulfoamino)butan-2-yl]amino}ethylidene]amino}oxy)-2-methylpropanoic acid'
3 non-polymer 'COBALT (II) ION'
4 water water
#
_entity_poly.entity_id   1
_entity_poly.type   'polypeptide(L)'
_entity_poly.pdbx_seq_one_letter_code
;GPLGSGQLKVTDVQPAARGSIVDRNNDRLAFTIEARALTFQPKRIRRQLEEARKKTSAAPDPQQRLRDIAQEVAGKLNNK
PDAAAVLKKLQSDETFVYLARAVDPAVASAICAKYPEVGAERQDLRQYPGGSLAANVVGGIDWDGHGLLGLEDSLDAVLA
GTDGSVTYDRGSDGVVIPGSYRNRHKAVHGSTVVLTLDNDIQFYVQQQVQQAKNLSGAHNVSAVVLDAKTGEVLAMANDN
TFDPSQDIGRQGDKQLGNPAVSSPFEPGSVNKIVAASAVIEHGLSSPDEVLQVPGSIQMGGVTVHDAWEHGVMPYTTTGV
FGKSSNVGTLMLSQRVGPERYYDMLRKFGLGQRTGVGLPGESAGLVPPIDQWSGSTFANLPIGQGLSMTLLQMTGMYQAI
ANDGVRVPPRIIKATVAPDGSRTEEPRPDDIRVVSAQTAQTVRQMLRAVVQRDPMGYQQGTGPTAGVPGYQMAGKTGTAQ
QINPGCGCYFDDVYWITFAGIATADNPRYVIGIMLDNPARNSDGAPGHSAAPLFHNIAGWLMQRENVPLSPDPGPPLVLQ
AT
;
_entity_poly.pdbx_strand_id   A
#
# COMPACT_ATOMS: atom_id res chain seq x y z
N ASP A 12 35.17 -18.64 -29.15
CA ASP A 12 36.06 -17.92 -28.25
C ASP A 12 35.32 -17.30 -27.05
N VAL A 13 34.07 -16.90 -27.25
CA VAL A 13 33.28 -16.29 -26.17
C VAL A 13 32.47 -17.38 -25.45
N GLN A 14 32.52 -17.36 -24.12
CA GLN A 14 31.84 -18.35 -23.28
C GLN A 14 30.65 -17.66 -22.62
N PRO A 15 29.44 -17.79 -23.18
CA PRO A 15 28.32 -16.94 -22.75
C PRO A 15 27.79 -17.31 -21.36
N ALA A 16 27.51 -16.29 -20.56
CA ALA A 16 26.83 -16.54 -19.28
C ALA A 16 25.34 -16.81 -19.53
N ALA A 17 24.80 -17.77 -18.79
CA ALA A 17 23.37 -18.09 -18.87
C ALA A 17 22.58 -17.22 -17.89
N ARG A 18 21.52 -16.60 -18.40
CA ARG A 18 20.74 -15.68 -17.56
C ARG A 18 20.07 -16.41 -16.42
N GLY A 19 20.10 -15.81 -15.24
CA GLY A 19 19.42 -16.37 -14.10
C GLY A 19 17.91 -16.17 -14.16
N SER A 20 17.22 -16.87 -13.29
CA SER A 20 15.76 -16.82 -13.26
CA SER A 20 15.76 -16.85 -13.24
C SER A 20 15.26 -15.87 -12.17
N ILE A 21 13.98 -15.51 -12.29
CA ILE A 21 13.27 -14.75 -11.27
C ILE A 21 12.13 -15.65 -10.80
N VAL A 22 12.11 -15.98 -9.50
CA VAL A 22 11.13 -16.89 -8.95
C VAL A 22 10.48 -16.23 -7.73
N ASP A 23 9.33 -16.77 -7.31
CA ASP A 23 8.65 -16.24 -6.15
C ASP A 23 9.21 -16.91 -4.89
N ARG A 24 8.65 -16.57 -3.71
CA ARG A 24 9.22 -17.04 -2.45
C ARG A 24 9.23 -18.56 -2.34
N ASN A 25 8.38 -19.25 -3.10
CA ASN A 25 8.32 -20.69 -3.09
C ASN A 25 8.97 -21.32 -4.32
N ASN A 26 9.79 -20.55 -5.03
CA ASN A 26 10.53 -20.97 -6.21
C ASN A 26 9.64 -21.26 -7.41
N ASP A 27 8.40 -20.79 -7.41
CA ASP A 27 7.60 -20.83 -8.62
C ASP A 27 8.13 -19.81 -9.62
N ARG A 28 8.43 -20.26 -10.83
CA ARG A 28 9.15 -19.42 -11.77
C ARG A 28 8.26 -18.31 -12.32
N LEU A 29 8.80 -17.09 -12.34
CA LEU A 29 8.21 -15.97 -13.04
C LEU A 29 8.91 -15.68 -14.36
N ALA A 30 10.22 -15.83 -14.41
CA ALA A 30 10.95 -15.59 -15.64
C ALA A 30 12.14 -16.54 -15.66
N PHE A 31 12.35 -17.21 -16.78
CA PHE A 31 13.50 -18.10 -16.93
C PHE A 31 13.83 -18.20 -18.42
N THR A 32 15.05 -18.66 -18.69
CA THR A 32 15.59 -18.68 -20.05
C THR A 32 15.68 -20.11 -20.58
N ILE A 33 15.34 -20.29 -21.85
CA ILE A 33 15.58 -21.55 -22.55
C ILE A 33 16.48 -21.28 -23.75
N GLU A 34 17.31 -22.27 -24.06
CA GLU A 34 18.20 -22.16 -25.22
C GLU A 34 17.44 -22.51 -26.49
N ALA A 35 17.63 -21.69 -27.52
CA ALA A 35 17.09 -22.00 -28.84
C ALA A 35 18.14 -21.63 -29.88
N ARG A 36 17.72 -21.60 -31.15
CA ARG A 36 18.64 -21.32 -32.24
C ARG A 36 17.98 -20.41 -33.26
N ALA A 37 18.80 -19.64 -33.95
CA ALA A 37 18.35 -18.76 -35.03
C ALA A 37 18.84 -19.25 -36.38
N ALA A 120 25.09 -16.03 -35.78
CA ALA A 120 24.31 -15.66 -34.60
C ALA A 120 23.35 -16.78 -34.26
N GLU A 121 23.85 -18.02 -34.26
CA GLU A 121 22.95 -19.16 -34.30
C GLU A 121 22.31 -19.47 -32.94
N ARG A 122 23.09 -19.55 -31.87
CA ARG A 122 22.49 -19.75 -30.57
C ARG A 122 21.68 -18.53 -30.16
N GLN A 123 20.51 -18.77 -29.58
CA GLN A 123 19.59 -17.69 -29.23
C GLN A 123 18.83 -18.09 -27.98
N ASP A 124 19.02 -17.35 -26.89
CA ASP A 124 18.37 -17.64 -25.63
C ASP A 124 17.01 -16.96 -25.59
N LEU A 125 15.97 -17.72 -25.24
CA LEU A 125 14.59 -17.22 -25.21
C LEU A 125 14.13 -17.04 -23.77
N ARG A 126 13.73 -15.83 -23.42
CA ARG A 126 13.18 -15.56 -22.09
C ARG A 126 11.72 -16.01 -22.04
N GLN A 127 11.37 -16.74 -20.99
CA GLN A 127 10.02 -17.30 -20.82
C GLN A 127 9.34 -16.62 -19.64
N TYR A 128 8.07 -16.24 -19.83
CA TYR A 128 7.24 -15.66 -18.78
C TYR A 128 6.00 -16.54 -18.69
N PRO A 129 6.09 -17.66 -17.99
CA PRO A 129 4.98 -18.63 -18.01
C PRO A 129 3.68 -18.06 -17.47
N GLY A 130 3.74 -17.04 -16.61
CA GLY A 130 2.53 -16.40 -16.12
C GLY A 130 2.05 -15.22 -16.94
N GLY A 131 2.71 -14.91 -18.04
CA GLY A 131 2.26 -13.80 -18.86
C GLY A 131 2.37 -12.50 -18.09
N SER A 132 1.24 -11.82 -17.90
CA SER A 132 1.23 -10.54 -17.20
C SER A 132 1.44 -10.68 -15.70
N LEU A 133 1.47 -11.89 -15.15
CA LEU A 133 1.50 -12.04 -13.69
C LEU A 133 2.70 -11.32 -13.08
N ALA A 134 2.44 -10.38 -12.18
CA ALA A 134 3.48 -9.59 -11.53
C ALA A 134 4.44 -8.95 -12.54
N ALA A 135 3.96 -8.67 -13.76
CA ALA A 135 4.84 -8.05 -14.74
C ALA A 135 5.19 -6.62 -14.36
N ASN A 136 4.37 -5.96 -13.55
CA ASN A 136 4.72 -4.62 -13.05
C ASN A 136 6.04 -4.65 -12.28
N VAL A 137 6.30 -5.76 -11.59
CA VAL A 137 7.52 -5.96 -10.80
C VAL A 137 8.62 -6.58 -11.65
N VAL A 138 8.30 -7.68 -12.34
CA VAL A 138 9.31 -8.47 -13.05
C VAL A 138 9.90 -7.69 -14.21
N GLY A 139 9.05 -7.04 -15.01
CA GLY A 139 9.50 -6.32 -16.18
C GLY A 139 9.55 -7.17 -17.44
N GLY A 140 10.45 -6.83 -18.37
CA GLY A 140 10.61 -7.54 -19.62
C GLY A 140 12.03 -7.49 -20.14
N ILE A 141 12.25 -8.20 -21.24
CA ILE A 141 13.58 -8.47 -21.78
C ILE A 141 13.74 -7.69 -23.08
N ASP A 142 14.99 -7.32 -23.38
CA ASP A 142 15.30 -6.61 -24.61
C ASP A 142 15.69 -7.61 -25.69
N TRP A 143 15.95 -7.10 -26.90
CA TRP A 143 16.31 -7.95 -28.03
C TRP A 143 17.61 -8.71 -27.78
N ASP A 144 18.53 -8.12 -27.02
CA ASP A 144 19.83 -8.73 -26.75
C ASP A 144 19.81 -9.68 -25.55
N GLY A 145 18.63 -9.94 -24.97
CA GLY A 145 18.56 -10.81 -23.80
C GLY A 145 18.94 -10.16 -22.50
N HIS A 146 19.19 -8.85 -22.48
CA HIS A 146 19.35 -8.11 -21.24
C HIS A 146 18.02 -7.45 -20.85
N GLY A 147 17.98 -6.97 -19.61
CA GLY A 147 16.75 -6.39 -19.11
C GLY A 147 16.34 -5.18 -19.92
N LEU A 148 15.03 -5.06 -20.17
CA LEU A 148 14.44 -3.87 -20.78
C LEU A 148 13.83 -2.93 -19.76
N LEU A 149 13.09 -3.47 -18.79
CA LEU A 149 12.51 -2.65 -17.73
C LEU A 149 12.19 -3.57 -16.55
N GLY A 150 11.71 -2.97 -15.45
CA GLY A 150 11.41 -3.76 -14.28
C GLY A 150 12.67 -4.34 -13.64
N LEU A 151 12.46 -5.38 -12.83
CA LEU A 151 13.59 -6.04 -12.17
C LEU A 151 14.55 -6.69 -13.18
N GLU A 152 14.06 -7.06 -14.36
CA GLU A 152 14.96 -7.60 -15.38
C GLU A 152 16.05 -6.61 -15.71
N ASP A 153 15.70 -5.32 -15.71
CA ASP A 153 16.65 -4.26 -15.98
C ASP A 153 17.44 -3.90 -14.72
N SER A 154 16.74 -3.57 -13.63
CA SER A 154 17.42 -3.01 -12.46
C SER A 154 18.31 -4.05 -11.78
N LEU A 155 17.98 -5.33 -11.90
CA LEU A 155 18.84 -6.40 -11.41
C LEU A 155 19.59 -7.12 -12.54
N ASP A 156 19.76 -6.47 -13.69
CA ASP A 156 20.33 -7.17 -14.84
C ASP A 156 21.72 -7.71 -14.56
N ALA A 157 22.55 -6.94 -13.86
CA ALA A 157 23.90 -7.41 -13.56
C ALA A 157 23.87 -8.69 -12.74
N VAL A 158 22.95 -8.78 -11.78
CA VAL A 158 22.80 -10.02 -11.00
C VAL A 158 22.28 -11.14 -11.90
N LEU A 159 21.30 -10.84 -12.76
CA LEU A 159 20.68 -11.86 -13.59
C LEU A 159 21.54 -12.23 -14.80
N ALA A 160 22.28 -11.28 -15.36
CA ALA A 160 23.02 -11.53 -16.60
C ALA A 160 24.34 -12.24 -16.37
N GLY A 161 24.96 -12.06 -15.20
CA GLY A 161 26.30 -12.58 -15.03
C GLY A 161 27.30 -11.88 -15.95
N THR A 162 28.40 -12.58 -16.22
CA THR A 162 29.48 -12.04 -17.03
C THR A 162 30.03 -13.14 -17.94
N ASP A 163 30.07 -12.86 -19.24
CA ASP A 163 30.58 -13.84 -20.20
C ASP A 163 32.06 -14.12 -19.95
N GLY A 164 32.42 -15.40 -20.02
CA GLY A 164 33.80 -15.81 -19.98
C GLY A 164 34.42 -15.79 -21.37
N SER A 165 35.60 -16.42 -21.46
CA SER A 165 36.39 -16.40 -22.69
C SER A 165 37.49 -17.45 -22.60
N VAL A 166 37.91 -17.94 -23.76
CA VAL A 166 39.06 -18.84 -23.84
C VAL A 166 39.59 -18.93 -25.28
N ARG A 184 42.35 -18.24 -19.46
CA ARG A 184 40.92 -18.47 -19.45
C ARG A 184 40.27 -17.66 -18.35
N HIS A 185 39.11 -17.11 -18.68
CA HIS A 185 38.22 -16.46 -17.72
C HIS A 185 36.89 -17.21 -17.78
N LYS A 186 36.52 -17.84 -16.67
CA LYS A 186 35.33 -18.68 -16.70
C LYS A 186 34.08 -17.81 -16.73
N ALA A 187 33.03 -18.33 -17.37
CA ALA A 187 31.78 -17.61 -17.39
C ALA A 187 31.18 -17.59 -15.99
N VAL A 188 30.73 -16.41 -15.55
CA VAL A 188 29.94 -16.27 -14.33
C VAL A 188 28.48 -16.29 -14.76
N HIS A 189 27.80 -17.42 -14.55
CA HIS A 189 26.40 -17.50 -14.92
C HIS A 189 25.57 -16.61 -14.01
N GLY A 190 24.41 -16.20 -14.51
CA GLY A 190 23.54 -15.32 -13.74
C GLY A 190 22.99 -16.01 -12.50
N SER A 191 22.86 -15.25 -11.43
CA SER A 191 22.24 -15.80 -10.24
C SER A 191 20.73 -15.72 -10.34
N THR A 192 20.04 -16.53 -9.54
CA THR A 192 18.59 -16.52 -9.50
C THR A 192 18.10 -15.61 -8.40
N VAL A 193 17.09 -14.80 -8.70
CA VAL A 193 16.54 -13.80 -7.80
C VAL A 193 15.22 -14.33 -7.21
N VAL A 194 15.18 -14.50 -5.89
CA VAL A 194 14.01 -15.01 -5.18
C VAL A 194 13.23 -13.82 -4.61
N LEU A 195 11.99 -13.63 -5.05
CA LEU A 195 11.17 -12.52 -4.56
C LEU A 195 10.41 -12.91 -3.30
N THR A 196 9.96 -11.89 -2.57
CA THR A 196 9.04 -12.13 -1.45
C THR A 196 7.63 -12.45 -1.93
N LEU A 197 7.31 -12.20 -3.21
CA LEU A 197 5.98 -12.45 -3.75
C LEU A 197 5.56 -13.90 -3.54
N ASP A 198 4.27 -14.09 -3.29
CA ASP A 198 3.61 -15.38 -3.33
C ASP A 198 2.73 -15.37 -4.57
N ASN A 199 3.07 -16.19 -5.56
CA ASN A 199 2.39 -16.15 -6.85
C ASN A 199 0.90 -16.44 -6.71
N ASP A 200 0.49 -17.27 -5.77
CA ASP A 200 -0.94 -17.53 -5.56
C ASP A 200 -1.63 -16.27 -5.05
N ILE A 201 -1.08 -15.63 -4.05
CA ILE A 201 -1.65 -14.39 -3.56
C ILE A 201 -1.61 -13.32 -4.65
N GLN A 202 -0.46 -13.18 -5.33
CA GLN A 202 -0.34 -12.19 -6.39
C GLN A 202 -1.39 -12.40 -7.46
N PHE A 203 -1.57 -13.66 -7.90
CA PHE A 203 -2.51 -13.92 -8.98
C PHE A 203 -3.93 -13.52 -8.58
N TYR A 204 -4.34 -13.87 -7.35
CA TYR A 204 -5.69 -13.52 -6.91
C TYR A 204 -5.84 -12.01 -6.77
N VAL A 205 -4.86 -11.36 -6.13
CA VAL A 205 -4.94 -9.91 -5.95
C VAL A 205 -4.94 -9.19 -7.30
N GLN A 206 -4.09 -9.64 -8.23
CA GLN A 206 -3.98 -8.96 -9.52
C GLN A 206 -5.29 -9.06 -10.30
N GLN A 207 -5.92 -10.23 -10.29
CA GLN A 207 -7.23 -10.39 -10.91
C GLN A 207 -8.28 -9.53 -10.23
N GLN A 208 -8.33 -9.57 -8.90
CA GLN A 208 -9.30 -8.75 -8.20
C GLN A 208 -9.09 -7.27 -8.48
N VAL A 209 -7.84 -6.84 -8.66
CA VAL A 209 -7.61 -5.43 -8.97
C VAL A 209 -8.17 -5.09 -10.35
N GLN A 210 -8.02 -6.01 -11.32
CA GLN A 210 -8.55 -5.79 -12.66
C GLN A 210 -10.06 -5.66 -12.62
N GLN A 211 -10.74 -6.55 -11.92
N GLN A 211 -10.72 -6.62 -11.96
CA GLN A 211 -12.19 -6.41 -11.94
CA GLN A 211 -12.17 -6.57 -11.70
C GLN A 211 -12.69 -5.30 -10.99
C GLN A 211 -12.57 -5.24 -11.09
N ALA A 212 -11.90 -4.87 -9.99
CA ALA A 212 -12.24 -3.64 -9.28
C ALA A 212 -12.19 -2.43 -10.22
N LYS A 213 -11.19 -2.41 -11.11
CA LYS A 213 -11.09 -1.31 -12.06
C LYS A 213 -12.28 -1.33 -13.02
N ASN A 214 -12.59 -2.50 -13.60
CA ASN A 214 -13.73 -2.62 -14.51
C ASN A 214 -15.06 -2.28 -13.82
N LEU A 215 -15.26 -2.75 -12.59
CA LEU A 215 -16.55 -2.55 -11.93
C LEU A 215 -16.74 -1.11 -11.47
N SER A 216 -15.68 -0.51 -10.89
CA SER A 216 -15.80 0.84 -10.33
C SER A 216 -15.75 1.94 -11.39
N GLY A 217 -15.31 1.62 -12.61
CA GLY A 217 -15.09 2.69 -13.57
C GLY A 217 -13.89 3.57 -13.30
N ALA A 218 -13.04 3.20 -12.32
CA ALA A 218 -11.84 3.98 -12.03
C ALA A 218 -10.89 3.99 -13.23
N HIS A 219 -10.08 5.05 -13.31
CA HIS A 219 -9.04 5.14 -14.34
C HIS A 219 -7.94 4.13 -14.11
N ASN A 220 -7.67 3.78 -12.85
CA ASN A 220 -6.70 2.73 -12.56
C ASN A 220 -6.87 2.31 -11.11
N VAL A 221 -6.36 1.12 -10.79
CA VAL A 221 -6.50 0.53 -9.45
C VAL A 221 -5.16 -0.13 -9.13
N SER A 222 -4.77 -0.09 -7.88
CA SER A 222 -3.58 -0.82 -7.46
C SER A 222 -3.78 -1.28 -6.02
N ALA A 223 -3.00 -2.28 -5.63
CA ALA A 223 -3.14 -2.92 -4.33
C ALA A 223 -1.80 -3.51 -3.93
N VAL A 224 -1.53 -3.49 -2.63
CA VAL A 224 -0.31 -4.03 -2.05
C VAL A 224 -0.70 -4.87 -0.85
N VAL A 225 -0.11 -6.06 -0.74
CA VAL A 225 -0.28 -6.90 0.43
C VAL A 225 1.09 -7.10 1.07
N LEU A 226 1.22 -6.72 2.34
CA LEU A 226 2.44 -6.94 3.08
C LEU A 226 2.24 -8.00 4.15
N ASP A 227 3.30 -8.77 4.40
CA ASP A 227 3.34 -9.56 5.62
C ASP A 227 3.41 -8.63 6.82
N ALA A 228 2.49 -8.83 7.77
CA ALA A 228 2.35 -7.89 8.87
C ALA A 228 3.63 -7.77 9.70
N LYS A 229 4.28 -8.90 10.00
CA LYS A 229 5.40 -8.87 10.93
C LYS A 229 6.70 -8.43 10.25
N THR A 230 6.97 -8.93 9.05
CA THR A 230 8.24 -8.67 8.34
C THR A 230 8.16 -7.55 7.32
N GLY A 231 6.95 -7.13 6.92
CA GLY A 231 6.84 -6.14 5.85
C GLY A 231 7.26 -6.62 4.49
N GLU A 232 7.46 -7.92 4.32
CA GLU A 232 7.77 -8.43 2.99
C GLU A 232 6.57 -8.21 2.08
N VAL A 233 6.86 -7.94 0.81
CA VAL A 233 5.83 -7.70 -0.20
C VAL A 233 5.33 -9.04 -0.73
N LEU A 234 4.10 -9.41 -0.35
CA LEU A 234 3.51 -10.67 -0.79
C LEU A 234 2.73 -10.53 -2.09
N ALA A 235 2.20 -9.34 -2.37
CA ALA A 235 1.54 -9.06 -3.64
C ALA A 235 1.65 -7.57 -3.93
N MET A 236 1.83 -7.23 -5.20
CA MET A 236 1.85 -5.82 -5.60
C MET A 236 1.28 -5.81 -7.02
N ALA A 237 0.13 -5.19 -7.21
CA ALA A 237 -0.56 -5.30 -8.49
C ALA A 237 -1.22 -3.99 -8.89
N ASN A 238 -1.32 -3.79 -10.20
CA ASN A 238 -2.14 -2.75 -10.77
C ASN A 238 -2.98 -3.36 -11.88
N ASP A 239 -4.00 -2.62 -12.30
CA ASP A 239 -4.82 -3.05 -13.42
C ASP A 239 -4.05 -2.85 -14.73
N ASN A 240 -4.52 -3.50 -15.79
CA ASN A 240 -4.07 -3.21 -17.15
C ASN A 240 -2.59 -3.56 -17.35
N THR A 241 -2.11 -4.60 -16.65
CA THR A 241 -0.69 -4.92 -16.64
C THR A 241 -0.26 -5.53 -17.97
N PHE A 242 0.86 -5.04 -18.51
CA PHE A 242 1.32 -5.50 -19.80
C PHE A 242 1.78 -6.96 -19.75
N ASP A 243 1.99 -7.52 -20.93
CA ASP A 243 2.43 -8.91 -21.04
C ASP A 243 3.85 -8.94 -21.61
N PRO A 244 4.87 -9.21 -20.79
CA PRO A 244 6.25 -9.18 -21.31
C PRO A 244 6.58 -10.33 -22.27
N SER A 245 5.71 -11.32 -22.44
CA SER A 245 5.92 -12.28 -23.51
C SER A 245 5.57 -11.71 -24.88
N GLN A 246 5.12 -10.47 -24.94
CA GLN A 246 4.71 -9.79 -26.16
C GLN A 246 5.53 -8.53 -26.33
N ASP A 247 5.67 -8.09 -27.58
CA ASP A 247 6.48 -6.93 -27.88
C ASP A 247 5.91 -5.67 -27.23
N ILE A 248 6.78 -4.92 -26.57
CA ILE A 248 6.36 -3.74 -25.83
C ILE A 248 5.71 -2.73 -26.77
N GLY A 249 6.21 -2.64 -28.01
CA GLY A 249 5.73 -1.67 -28.97
C GLY A 249 4.28 -1.83 -29.37
N ARG A 250 3.68 -2.99 -29.10
CA ARG A 250 2.26 -3.19 -29.38
C ARG A 250 1.41 -2.90 -28.15
N GLN A 251 1.98 -2.40 -27.06
CA GLN A 251 1.27 -2.34 -25.80
C GLN A 251 1.25 -0.93 -25.23
N GLY A 252 1.18 0.08 -26.10
CA GLY A 252 1.00 1.44 -25.63
C GLY A 252 -0.27 1.65 -24.82
N ASP A 253 -1.28 0.80 -25.00
CA ASP A 253 -2.49 0.94 -24.20
C ASP A 253 -2.42 0.17 -22.88
N LYS A 254 -1.27 -0.38 -22.54
CA LYS A 254 -1.10 -1.17 -21.33
C LYS A 254 -0.32 -0.37 -20.28
N GLN A 255 -0.39 -0.84 -19.04
CA GLN A 255 0.44 -0.29 -17.97
C GLN A 255 1.74 -1.09 -17.93
N LEU A 256 2.85 -0.40 -18.24
CA LEU A 256 4.18 -1.01 -18.31
C LEU A 256 4.97 -0.85 -17.02
N GLY A 257 4.55 0.05 -16.12
CA GLY A 257 5.35 0.40 -14.96
C GLY A 257 4.77 -0.17 -13.68
N ASN A 258 4.96 0.53 -12.56
CA ASN A 258 4.63 -0.01 -11.25
C ASN A 258 4.11 1.12 -10.37
N PRO A 259 2.88 1.60 -10.64
CA PRO A 259 2.34 2.76 -9.92
C PRO A 259 2.34 2.63 -8.41
N ALA A 260 2.20 1.42 -7.87
CA ALA A 260 2.22 1.21 -6.42
C ALA A 260 3.46 1.81 -5.77
N VAL A 261 4.57 1.92 -6.50
CA VAL A 261 5.77 2.53 -5.97
C VAL A 261 6.12 3.84 -6.67
N SER A 262 5.68 4.05 -7.91
CA SER A 262 6.16 5.19 -8.68
C SER A 262 5.26 6.42 -8.61
N SER A 263 4.02 6.31 -8.17
CA SER A 263 3.02 7.35 -8.43
C SER A 263 2.37 7.80 -7.13
N PRO A 264 2.90 8.85 -6.49
CA PRO A 264 2.34 9.28 -5.20
C PRO A 264 1.02 10.01 -5.40
N PHE A 265 0.26 10.09 -4.30
CA PHE A 265 -1.04 10.75 -4.32
C PHE A 265 -1.28 11.41 -2.96
N GLU A 266 -2.18 12.40 -2.93
CA GLU A 266 -2.65 12.97 -1.65
C GLU A 266 -3.49 11.92 -0.94
N PRO A 267 -3.16 11.52 0.28
CA PRO A 267 -3.88 10.39 0.90
C PRO A 267 -5.27 10.71 1.41
N GLY A 268 -5.54 11.95 1.79
CA GLY A 268 -6.78 12.19 2.53
C GLY A 268 -6.80 11.35 3.80
N SER A 269 -7.99 10.80 4.12
CA SER A 269 -8.26 10.31 5.47
C SER A 269 -7.48 9.05 5.87
N VAL A 270 -6.88 8.32 4.93
CA VAL A 270 -6.08 7.18 5.38
C VAL A 270 -4.90 7.68 6.19
N ASN A 271 -4.50 8.94 6.00
CA ASN A 271 -3.43 9.49 6.81
C ASN A 271 -3.81 9.67 8.28
N LYS A 272 -5.09 9.53 8.63
CA LYS A 272 -5.49 9.79 10.01
C LYS A 272 -4.88 8.78 10.99
N ILE A 273 -4.35 7.67 10.49
CA ILE A 273 -3.61 6.76 11.35
C ILE A 273 -2.51 7.51 12.11
N VAL A 274 -1.92 8.55 11.52
CA VAL A 274 -0.83 9.25 12.20
C VAL A 274 -1.37 10.02 13.40
N ALA A 275 -2.44 10.80 13.21
CA ALA A 275 -3.04 11.51 14.34
C ALA A 275 -3.52 10.54 15.41
N ALA A 276 -4.14 9.43 15.00
CA ALA A 276 -4.65 8.45 15.98
C ALA A 276 -3.52 7.89 16.82
N SER A 277 -2.42 7.53 16.17
CA SER A 277 -1.26 6.95 16.85
C SER A 277 -0.61 7.98 17.76
N ALA A 278 -0.48 9.21 17.30
CA ALA A 278 0.18 10.23 18.10
C ALA A 278 -0.63 10.54 19.35
N VAL A 279 -1.95 10.75 19.20
CA VAL A 279 -2.75 11.16 20.36
C VAL A 279 -2.79 10.04 21.39
N ILE A 280 -2.77 8.77 20.98
CA ILE A 280 -2.75 7.68 21.96
C ILE A 280 -1.35 7.54 22.57
N GLU A 281 -0.31 7.58 21.72
CA GLU A 281 1.06 7.33 22.20
C GLU A 281 1.50 8.35 23.24
N HIS A 282 1.10 9.60 23.07
CA HIS A 282 1.46 10.61 24.06
C HIS A 282 0.41 10.73 25.17
N GLY A 283 -0.53 9.81 25.27
CA GLY A 283 -1.45 9.81 26.40
C GLY A 283 -2.36 11.02 26.43
N LEU A 284 -2.75 11.54 25.26
CA LEU A 284 -3.56 12.73 25.14
C LEU A 284 -5.03 12.43 24.98
N SER A 285 -5.38 11.16 24.77
CA SER A 285 -6.76 10.73 24.66
C SER A 285 -6.78 9.21 24.81
N SER A 286 -7.97 8.65 24.82
CA SER A 286 -8.18 7.21 24.88
C SER A 286 -9.35 6.88 23.97
N PRO A 287 -9.52 5.61 23.61
CA PRO A 287 -10.56 5.28 22.61
C PRO A 287 -11.96 5.66 23.03
N ASP A 288 -12.27 5.59 24.32
CA ASP A 288 -13.62 5.82 24.79
C ASP A 288 -13.85 7.24 25.33
N GLU A 289 -12.87 8.14 25.19
CA GLU A 289 -13.12 9.53 25.58
C GLU A 289 -14.26 10.10 24.74
N VAL A 290 -15.29 10.61 25.42
CA VAL A 290 -16.39 11.31 24.77
C VAL A 290 -15.93 12.73 24.43
N LEU A 291 -15.90 13.06 23.14
CA LEU A 291 -15.54 14.38 22.68
C LEU A 291 -16.81 15.20 22.36
N GLN A 292 -16.61 16.47 22.01
CA GLN A 292 -17.66 17.34 21.53
C GLN A 292 -17.18 17.91 20.20
N VAL A 293 -17.77 17.47 19.09
CA VAL A 293 -17.19 17.75 17.79
C VAL A 293 -18.17 18.62 17.00
N PRO A 294 -17.86 19.89 16.77
CA PRO A 294 -18.71 20.74 15.92
C PRO A 294 -18.59 20.37 14.45
N GLY A 295 -19.51 20.92 13.66
CA GLY A 295 -19.52 20.63 12.24
C GLY A 295 -18.40 21.29 11.47
N SER A 296 -17.82 22.35 12.02
CA SER A 296 -16.72 23.01 11.35
C SER A 296 -15.95 23.80 12.39
N ILE A 297 -14.69 24.10 12.07
CA ILE A 297 -13.88 24.97 12.91
C ILE A 297 -12.99 25.83 12.04
N GLN A 298 -12.54 26.94 12.62
CA GLN A 298 -11.52 27.80 12.05
C GLN A 298 -10.18 27.43 12.69
N MET A 299 -9.24 27.00 11.87
CA MET A 299 -7.94 26.59 12.38
C MET A 299 -6.87 27.04 11.40
N GLY A 300 -5.78 27.59 11.93
CA GLY A 300 -4.68 27.99 11.05
C GLY A 300 -5.09 28.96 9.96
N GLY A 301 -6.12 29.78 10.20
CA GLY A 301 -6.61 30.73 9.24
C GLY A 301 -7.63 30.18 8.25
N VAL A 302 -7.89 28.87 8.27
CA VAL A 302 -8.76 28.26 7.28
C VAL A 302 -9.94 27.58 7.99
N THR A 303 -10.94 27.22 7.19
CA THR A 303 -12.18 26.63 7.67
C THR A 303 -12.21 25.16 7.29
N VAL A 304 -12.29 24.30 8.31
CA VAL A 304 -12.37 22.85 8.11
C VAL A 304 -13.76 22.40 8.48
N HIS A 305 -14.36 21.58 7.61
CA HIS A 305 -15.75 21.15 7.73
C HIS A 305 -15.76 19.63 7.57
N ASP A 306 -16.66 18.97 8.28
CA ASP A 306 -16.81 17.54 8.08
C ASP A 306 -17.57 17.26 6.79
N ALA A 307 -17.47 16.02 6.32
CA ALA A 307 -18.10 15.67 5.04
C ALA A 307 -19.61 15.51 5.15
N TRP A 308 -20.19 15.72 6.33
CA TRP A 308 -21.64 15.71 6.51
C TRP A 308 -21.97 16.87 7.42
N GLU A 309 -23.16 17.45 7.25
CA GLU A 309 -23.54 18.58 8.08
C GLU A 309 -23.98 18.07 9.44
N HIS A 310 -23.47 18.68 10.51
CA HIS A 310 -23.87 18.24 11.84
C HIS A 310 -23.53 19.33 12.85
N GLY A 311 -24.30 19.37 13.94
CA GLY A 311 -23.99 20.22 15.06
C GLY A 311 -22.96 19.55 15.95
N VAL A 312 -22.84 20.06 17.18
CA VAL A 312 -21.91 19.44 18.12
C VAL A 312 -22.37 18.01 18.40
N MET A 313 -21.52 17.04 18.08
CA MET A 313 -21.79 15.63 18.27
C MET A 313 -20.88 15.01 19.32
N PRO A 314 -21.45 14.16 20.22
CA PRO A 314 -20.64 13.43 21.22
C PRO A 314 -19.96 12.20 20.63
N TYR A 315 -19.15 12.42 19.58
CA TYR A 315 -18.32 11.34 19.06
C TYR A 315 -17.27 10.96 20.10
N THR A 316 -17.05 9.66 20.26
CA THR A 316 -15.87 9.24 20.98
C THR A 316 -14.65 9.43 20.09
N THR A 317 -13.46 9.32 20.70
CA THR A 317 -12.23 9.27 19.93
C THR A 317 -12.31 8.15 18.89
N THR A 318 -12.76 6.98 19.31
CA THR A 318 -13.00 5.88 18.37
C THR A 318 -13.90 6.33 17.22
N GLY A 319 -15.01 6.99 17.54
CA GLY A 319 -15.93 7.45 16.51
C GLY A 319 -15.35 8.50 15.58
N VAL A 320 -14.43 9.33 16.08
CA VAL A 320 -13.81 10.34 15.23
C VAL A 320 -13.12 9.67 14.05
N PHE A 321 -12.36 8.62 14.33
CA PHE A 321 -11.71 7.89 13.25
C PHE A 321 -12.67 6.90 12.56
N GLY A 322 -13.62 6.33 13.30
CA GLY A 322 -14.57 5.42 12.67
C GLY A 322 -15.50 6.11 11.69
N LYS A 323 -15.93 7.35 12.01
CA LYS A 323 -16.78 8.14 11.12
C LYS A 323 -16.00 9.08 10.23
N SER A 324 -14.70 9.26 10.50
CA SER A 324 -13.80 10.12 9.74
C SER A 324 -14.23 11.59 9.84
N SER A 325 -14.31 12.08 11.08
CA SER A 325 -14.53 13.51 11.33
C SER A 325 -13.20 14.24 11.17
N ASN A 326 -13.10 15.09 10.13
CA ASN A 326 -11.93 15.96 9.97
C ASN A 326 -11.81 16.91 11.16
N VAL A 327 -12.93 17.48 11.59
CA VAL A 327 -12.91 18.41 12.72
C VAL A 327 -12.43 17.71 13.98
N GLY A 328 -12.97 16.51 14.26
CA GLY A 328 -12.51 15.76 15.43
C GLY A 328 -11.03 15.44 15.32
N THR A 329 -10.57 15.11 14.10
CA THR A 329 -9.16 14.79 13.92
C THR A 329 -8.27 15.99 14.26
N LEU A 330 -8.69 17.18 13.82
CA LEU A 330 -7.87 18.37 14.06
C LEU A 330 -7.92 18.81 15.51
N MET A 331 -9.08 18.68 16.16
CA MET A 331 -9.15 19.00 17.59
CA MET A 331 -9.15 19.00 17.59
C MET A 331 -8.19 18.13 18.38
N LEU A 332 -8.18 16.81 18.11
CA LEU A 332 -7.24 15.91 18.76
C LEU A 332 -5.82 16.19 18.35
N SER A 333 -5.59 16.50 17.07
CA SER A 333 -4.24 16.87 16.63
C SER A 333 -3.75 18.13 17.36
N GLN A 334 -4.65 19.05 17.71
CA GLN A 334 -4.24 20.23 18.46
C GLN A 334 -3.63 19.87 19.80
N ARG A 335 -4.09 18.75 20.40
CA ARG A 335 -3.46 18.30 21.64
C ARG A 335 -2.03 17.83 21.39
N VAL A 336 -1.81 17.18 20.25
CA VAL A 336 -0.49 16.67 19.91
C VAL A 336 0.50 17.80 19.69
N GLY A 337 0.10 18.81 18.91
CA GLY A 337 0.98 19.89 18.55
C GLY A 337 1.76 19.60 17.28
N PRO A 338 2.19 20.66 16.58
CA PRO A 338 2.91 20.48 15.30
C PRO A 338 4.19 19.67 15.40
N GLU A 339 5.01 19.92 16.43
CA GLU A 339 6.30 19.24 16.53
C GLU A 339 6.16 17.74 16.72
N ARG A 340 5.36 17.32 17.69
CA ARG A 340 5.19 15.89 17.89
C ARG A 340 4.47 15.27 16.71
N TYR A 341 3.54 15.99 16.09
CA TYR A 341 2.87 15.45 14.92
C TYR A 341 3.86 15.22 13.78
N TYR A 342 4.65 16.25 13.44
CA TYR A 342 5.63 16.09 12.38
C TYR A 342 6.63 14.97 12.70
N ASP A 343 7.01 14.84 13.97
CA ASP A 343 7.94 13.77 14.32
C ASP A 343 7.32 12.40 14.02
N MET A 344 6.03 12.26 14.28
CA MET A 344 5.36 10.99 14.04
C MET A 344 5.26 10.68 12.55
N LEU A 345 4.90 11.69 11.73
CA LEU A 345 4.92 11.55 10.28
C LEU A 345 6.23 10.95 9.80
N ARG A 346 7.35 11.50 10.29
CA ARG A 346 8.66 11.03 9.86
C ARG A 346 8.92 9.60 10.32
N LYS A 347 8.55 9.28 11.57
CA LYS A 347 8.77 7.91 12.04
C LYS A 347 7.96 6.91 11.21
N PHE A 348 6.75 7.30 10.78
CA PHE A 348 5.95 6.44 9.93
C PHE A 348 6.53 6.31 8.53
N GLY A 349 7.60 7.03 8.20
CA GLY A 349 8.33 6.83 6.95
C GLY A 349 7.88 7.67 5.77
N LEU A 350 7.01 8.66 5.99
CA LEU A 350 6.52 9.46 4.88
C LEU A 350 7.61 10.40 4.38
N GLY A 351 7.56 10.72 3.09
CA GLY A 351 8.54 11.59 2.46
C GLY A 351 9.88 10.94 2.17
N GLN A 352 10.03 9.65 2.44
CA GLN A 352 11.28 8.94 2.25
C GLN A 352 11.01 7.64 1.49
N ARG A 353 11.85 7.33 0.51
CA ARG A 353 11.81 6.03 -0.15
C ARG A 353 11.96 4.90 0.87
N THR A 354 11.24 3.80 0.62
CA THR A 354 11.32 2.66 1.51
C THR A 354 12.61 1.87 1.34
N GLY A 355 13.25 1.96 0.17
CA GLY A 355 14.33 1.05 -0.18
C GLY A 355 13.87 -0.36 -0.53
N VAL A 356 12.64 -0.50 -1.04
CA VAL A 356 12.05 -1.82 -1.28
C VAL A 356 12.84 -2.65 -2.29
N GLY A 357 13.66 -2.02 -3.13
CA GLY A 357 14.38 -2.76 -4.14
C GLY A 357 13.67 -2.82 -5.48
N LEU A 358 12.89 -1.80 -5.82
CA LEU A 358 12.20 -1.74 -7.09
C LEU A 358 12.56 -0.46 -7.82
N PRO A 359 12.78 -0.50 -9.13
CA PRO A 359 13.15 0.73 -9.85
C PRO A 359 12.00 1.72 -9.90
N GLY A 360 12.35 3.02 -9.89
CA GLY A 360 11.37 4.07 -10.06
C GLY A 360 10.54 4.41 -8.83
N GLU A 361 10.99 4.00 -7.64
CA GLU A 361 10.22 4.30 -6.44
C GLU A 361 10.24 5.79 -6.15
N SER A 362 9.06 6.38 -5.93
CA SER A 362 8.98 7.78 -5.53
C SER A 362 9.12 7.91 -4.02
N ALA A 363 9.66 9.03 -3.59
CA ALA A 363 9.77 9.33 -2.16
C ALA A 363 8.52 9.97 -1.59
N GLY A 364 7.59 10.37 -2.44
CA GLY A 364 6.46 11.14 -1.98
C GLY A 364 6.94 12.53 -1.59
N LEU A 365 6.09 13.25 -0.86
CA LEU A 365 6.41 14.62 -0.49
C LEU A 365 5.74 14.96 0.83
N VAL A 366 6.56 15.44 1.78
CA VAL A 366 6.09 15.91 3.07
C VAL A 366 6.79 17.24 3.38
N PRO A 367 6.07 18.36 3.46
CA PRO A 367 6.72 19.64 3.78
C PRO A 367 7.39 19.61 5.15
N PRO A 368 8.69 19.86 5.22
CA PRO A 368 9.36 19.93 6.52
C PRO A 368 8.80 21.04 7.40
N ILE A 369 8.89 20.84 8.71
CA ILE A 369 8.15 21.72 9.62
C ILE A 369 8.69 23.15 9.56
N ASP A 370 9.99 23.35 9.36
CA ASP A 370 10.50 24.71 9.32
CA ASP A 370 10.56 24.69 9.28
C ASP A 370 9.99 25.50 8.12
N GLN A 371 9.31 24.87 7.17
CA GLN A 371 8.73 25.57 6.04
C GLN A 371 7.20 25.58 6.06
N TRP A 372 6.57 25.13 7.15
CA TRP A 372 5.12 25.11 7.21
C TRP A 372 4.54 26.51 7.12
N SER A 373 3.41 26.64 6.42
CA SER A 373 2.66 27.88 6.46
C SER A 373 1.82 27.90 7.74
N GLY A 374 1.03 28.96 7.91
CA GLY A 374 0.14 28.99 9.04
C GLY A 374 -0.97 27.96 8.97
N SER A 375 -1.20 27.38 7.79
CA SER A 375 -2.32 26.50 7.54
C SER A 375 -1.92 25.04 7.29
N THR A 376 -0.62 24.73 7.22
CA THR A 376 -0.17 23.35 7.03
C THR A 376 -0.75 22.41 8.08
N PHE A 377 -0.66 22.81 9.35
CA PHE A 377 -1.10 21.94 10.43
C PHE A 377 -2.60 21.70 10.41
N ALA A 378 -3.38 22.57 9.79
CA ALA A 378 -4.80 22.31 9.60
C ALA A 378 -5.07 21.33 8.46
N ASN A 379 -4.07 20.97 7.67
CA ASN A 379 -4.25 20.14 6.49
C ASN A 379 -3.63 18.76 6.62
N LEU A 380 -2.35 18.69 7.02
CA LEU A 380 -1.64 17.41 7.10
C LEU A 380 -2.38 16.35 7.91
N PRO A 381 -2.90 16.63 9.11
CA PRO A 381 -3.54 15.56 9.90
C PRO A 381 -4.73 14.92 9.21
N ILE A 382 -5.40 15.59 8.29
CA ILE A 382 -6.48 14.93 7.55
C ILE A 382 -6.01 14.48 6.16
N GLY A 383 -4.70 14.47 5.90
CA GLY A 383 -4.18 13.92 4.67
C GLY A 383 -4.15 14.87 3.49
N GLN A 384 -4.16 16.18 3.72
CA GLN A 384 -4.08 17.16 2.65
C GLN A 384 -2.74 17.89 2.75
N GLY A 385 -2.12 18.15 1.61
CA GLY A 385 -0.87 18.89 1.60
C GLY A 385 0.38 18.04 1.64
N LEU A 386 0.26 16.74 1.43
CA LEU A 386 1.39 15.85 1.35
C LEU A 386 1.00 14.75 0.37
N SER A 387 2.00 13.98 -0.06
CA SER A 387 1.71 12.87 -0.97
C SER A 387 2.53 11.67 -0.55
N MET A 388 2.01 10.48 -0.89
CA MET A 388 2.69 9.23 -0.56
C MET A 388 2.34 8.22 -1.63
N THR A 389 3.19 7.21 -1.74
CA THR A 389 2.88 6.06 -2.58
C THR A 389 1.98 5.08 -1.86
N LEU A 390 1.35 4.19 -2.65
CA LEU A 390 0.61 3.08 -2.09
C LEU A 390 1.47 2.25 -1.15
N LEU A 391 2.73 2.02 -1.52
CA LEU A 391 3.59 1.20 -0.67
C LEU A 391 3.87 1.89 0.66
N GLN A 392 4.18 3.20 0.63
CA GLN A 392 4.34 3.97 1.85
C GLN A 392 3.09 3.92 2.72
N MET A 393 1.93 4.15 2.10
CA MET A 393 0.67 4.10 2.84
C MET A 393 0.50 2.76 3.53
N THR A 394 0.66 1.68 2.77
CA THR A 394 0.57 0.34 3.34
C THR A 394 1.63 0.11 4.41
N GLY A 395 2.82 0.67 4.23
CA GLY A 395 3.88 0.49 5.22
C GLY A 395 3.56 1.15 6.54
N MET A 396 2.80 2.26 6.51
CA MET A 396 2.33 2.90 7.74
C MET A 396 1.50 1.94 8.58
N TYR A 397 0.56 1.25 7.93
CA TYR A 397 -0.33 0.35 8.66
C TYR A 397 0.42 -0.91 9.09
N GLN A 398 1.50 -1.25 8.37
CA GLN A 398 2.35 -2.36 8.80
C GLN A 398 2.99 -2.06 10.16
N ALA A 399 3.39 -0.80 10.39
CA ALA A 399 3.98 -0.44 11.67
C ALA A 399 3.03 -0.74 12.81
N ILE A 400 1.76 -0.37 12.63
CA ILE A 400 0.74 -0.58 13.65
C ILE A 400 0.41 -2.06 13.76
N ALA A 401 0.37 -2.76 12.62
CA ALA A 401 0.16 -4.20 12.63
C ALA A 401 1.25 -4.92 13.43
N ASN A 402 2.49 -4.47 13.31
CA ASN A 402 3.62 -5.14 13.94
C ASN A 402 3.93 -4.55 15.31
N ASP A 403 2.87 -4.26 16.08
CA ASP A 403 3.00 -3.84 17.48
C ASP A 403 3.87 -2.60 17.61
N GLY A 404 3.74 -1.70 16.64
CA GLY A 404 4.39 -0.41 16.69
C GLY A 404 5.74 -0.33 16.01
N VAL A 405 6.26 -1.43 15.49
CA VAL A 405 7.60 -1.45 14.90
C VAL A 405 7.47 -1.51 13.38
N ARG A 406 7.82 -0.42 12.73
CA ARG A 406 7.79 -0.37 11.27
C ARG A 406 8.98 -1.11 10.71
N VAL A 407 8.73 -2.00 9.76
CA VAL A 407 9.78 -2.72 9.06
C VAL A 407 9.68 -2.34 7.59
N PRO A 408 10.62 -1.57 7.06
CA PRO A 408 10.54 -1.13 5.66
C PRO A 408 10.34 -2.31 4.73
N PRO A 409 9.37 -2.22 3.81
CA PRO A 409 9.05 -3.37 2.97
C PRO A 409 10.19 -3.71 2.02
N ARG A 410 10.29 -5.00 1.71
CA ARG A 410 11.29 -5.52 0.79
C ARG A 410 10.63 -6.53 -0.13
N ILE A 411 11.10 -6.58 -1.38
CA ILE A 411 10.55 -7.51 -2.35
C ILE A 411 11.58 -8.54 -2.81
N ILE A 412 12.85 -8.32 -2.55
CA ILE A 412 13.90 -9.30 -2.82
C ILE A 412 14.09 -10.12 -1.56
N LYS A 413 13.79 -11.42 -1.62
CA LYS A 413 14.00 -12.26 -0.44
C LYS A 413 15.43 -12.80 -0.38
N ALA A 414 15.99 -13.20 -1.51
CA ALA A 414 17.28 -13.89 -1.53
C ALA A 414 17.78 -13.97 -2.97
N THR A 415 19.03 -14.36 -3.12
CA THR A 415 19.62 -14.67 -4.42
C THR A 415 20.35 -16.00 -4.35
N VAL A 416 20.26 -16.78 -5.41
CA VAL A 416 20.87 -18.11 -5.46
C VAL A 416 21.98 -18.07 -6.50
N ALA A 417 23.20 -18.35 -6.05
CA ALA A 417 24.37 -18.35 -6.90
C ALA A 417 24.33 -19.55 -7.83
N PRO A 418 25.12 -19.52 -8.92
CA PRO A 418 25.10 -20.65 -9.86
C PRO A 418 25.43 -22.00 -9.24
N ASP A 419 26.25 -22.05 -8.18
CA ASP A 419 26.48 -23.34 -7.52
C ASP A 419 25.25 -23.85 -6.79
N GLY A 420 24.28 -22.98 -6.52
CA GLY A 420 23.10 -23.36 -5.79
C GLY A 420 23.08 -22.92 -4.35
N SER A 421 24.13 -22.24 -3.90
CA SER A 421 24.15 -21.69 -2.55
C SER A 421 23.32 -20.42 -2.48
N ARG A 422 22.52 -20.31 -1.44
CA ARG A 422 21.51 -19.26 -1.32
C ARG A 422 21.91 -18.29 -0.21
N THR A 423 21.87 -16.99 -0.54
CA THR A 423 22.13 -15.91 0.41
C THR A 423 20.85 -15.11 0.61
N GLU A 424 20.34 -15.08 1.84
CA GLU A 424 19.17 -14.24 2.13
C GLU A 424 19.52 -12.77 2.01
N GLU A 425 18.55 -11.97 1.56
CA GLU A 425 18.73 -10.53 1.58
C GLU A 425 18.82 -10.03 3.02
N PRO A 426 19.71 -9.08 3.32
CA PRO A 426 19.76 -8.53 4.67
C PRO A 426 18.45 -7.85 5.04
N ARG A 427 17.98 -8.12 6.23
CA ARG A 427 16.74 -7.53 6.73
C ARG A 427 16.98 -6.07 7.11
N PRO A 428 16.04 -5.17 6.79
CA PRO A 428 16.22 -3.78 7.19
C PRO A 428 16.05 -3.63 8.70
N ASP A 429 16.57 -2.54 9.24
CA ASP A 429 16.48 -2.28 10.66
C ASP A 429 15.07 -1.85 11.07
N ASP A 430 14.60 -2.41 12.19
CA ASP A 430 13.39 -2.00 12.87
C ASP A 430 13.34 -0.49 13.09
N ILE A 431 12.12 0.06 13.08
CA ILE A 431 11.88 1.45 13.43
C ILE A 431 10.69 1.49 14.38
N ARG A 432 10.95 1.77 15.66
CA ARG A 432 9.92 1.92 16.68
C ARG A 432 9.16 3.23 16.44
N VAL A 433 7.89 3.13 16.10
CA VAL A 433 7.03 4.30 15.87
C VAL A 433 6.18 4.63 17.09
N VAL A 434 5.49 3.63 17.63
CA VAL A 434 4.72 3.76 18.85
C VAL A 434 4.92 2.48 19.65
N SER A 435 4.49 2.49 20.91
CA SER A 435 4.64 1.29 21.73
C SER A 435 3.71 0.18 21.24
N ALA A 436 4.00 -1.05 21.69
CA ALA A 436 3.11 -2.17 21.39
C ALA A 436 1.70 -1.89 21.90
N GLN A 437 1.60 -1.30 23.10
CA GLN A 437 0.31 -1.01 23.71
C GLN A 437 -0.48 0.00 22.89
N THR A 438 0.21 1.04 22.40
CA THR A 438 -0.44 2.00 21.51
C THR A 438 -0.91 1.33 20.23
N ALA A 439 -0.02 0.59 19.57
CA ALA A 439 -0.37 -0.10 18.34
C ALA A 439 -1.60 -0.99 18.51
N GLN A 440 -1.65 -1.76 19.61
CA GLN A 440 -2.80 -2.62 19.84
C GLN A 440 -4.08 -1.82 20.02
N THR A 441 -3.97 -0.67 20.70
CA THR A 441 -5.12 0.20 20.91
C THR A 441 -5.62 0.81 19.59
N VAL A 442 -4.69 1.23 18.72
CA VAL A 442 -5.10 1.83 17.46
C VAL A 442 -5.77 0.78 16.56
N ARG A 443 -5.20 -0.43 16.51
CA ARG A 443 -5.83 -1.53 15.76
C ARG A 443 -7.25 -1.79 16.22
N GLN A 444 -7.47 -1.84 17.53
CA GLN A 444 -8.82 -2.06 18.03
C GLN A 444 -9.75 -0.92 17.64
N MET A 445 -9.28 0.32 17.78
CA MET A 445 -10.07 1.49 17.40
C MET A 445 -10.50 1.40 15.94
N LEU A 446 -9.57 1.06 15.04
CA LEU A 446 -9.89 1.05 13.62
C LEU A 446 -10.82 -0.12 13.24
N ARG A 447 -11.15 -1.01 14.19
CA ARG A 447 -12.25 -1.94 13.97
C ARG A 447 -13.57 -1.20 13.81
N ALA A 448 -13.68 -0.01 14.40
CA ALA A 448 -14.93 0.76 14.30
C ALA A 448 -15.23 1.15 12.86
N VAL A 449 -14.20 1.32 12.03
CA VAL A 449 -14.40 1.73 10.65
C VAL A 449 -15.21 0.70 9.88
N VAL A 450 -15.04 -0.59 10.18
CA VAL A 450 -15.73 -1.63 9.44
C VAL A 450 -16.96 -2.14 10.19
N GLN A 451 -17.34 -1.47 11.28
CA GLN A 451 -18.49 -1.91 12.05
C GLN A 451 -19.79 -1.44 11.42
N ARG A 452 -20.75 -2.35 11.35
CA ARG A 452 -22.05 -2.12 10.75
C ARG A 452 -23.07 -1.79 11.85
N ASP A 453 -23.96 -0.84 11.57
CA ASP A 453 -25.03 -0.56 12.53
C ASP A 453 -26.31 -0.22 11.78
N PRO A 454 -27.34 -1.06 11.89
CA PRO A 454 -28.61 -0.76 11.20
C PRO A 454 -29.19 0.60 11.57
N MET A 455 -29.11 0.99 12.84
CA MET A 455 -29.59 2.29 13.28
C MET A 455 -28.64 3.43 12.94
N GLY A 456 -27.59 3.16 12.16
CA GLY A 456 -26.68 4.19 11.71
C GLY A 456 -25.74 4.72 12.76
N TYR A 457 -26.20 4.78 14.01
CA TYR A 457 -25.47 5.54 15.03
C TYR A 457 -24.06 5.00 15.23
N GLN A 458 -23.88 3.68 15.30
CA GLN A 458 -22.58 3.10 15.57
C GLN A 458 -21.94 2.45 14.34
N GLN A 459 -22.19 3.01 13.16
CA GLN A 459 -21.62 2.47 11.93
C GLN A 459 -20.43 3.32 11.48
N GLY A 460 -19.35 2.64 11.07
CA GLY A 460 -18.20 3.30 10.49
C GLY A 460 -18.39 3.62 9.02
N THR A 461 -17.36 4.22 8.43
CA THR A 461 -17.41 4.60 7.02
C THR A 461 -17.28 3.41 6.07
N GLY A 462 -16.76 2.26 6.53
CA GLY A 462 -16.51 1.14 5.65
C GLY A 462 -17.02 -0.21 6.12
N PRO A 463 -18.33 -0.32 6.40
CA PRO A 463 -18.85 -1.59 6.91
C PRO A 463 -18.74 -2.75 5.92
N THR A 464 -18.76 -2.49 4.62
CA THR A 464 -18.55 -3.61 3.69
C THR A 464 -17.13 -4.17 3.77
N ALA A 465 -16.18 -3.49 4.40
CA ALA A 465 -14.86 -4.08 4.55
C ALA A 465 -14.80 -5.15 5.64
N GLY A 466 -15.75 -5.17 6.58
CA GLY A 466 -15.71 -6.17 7.64
C GLY A 466 -15.95 -7.56 7.09
N VAL A 467 -15.31 -8.54 7.71
CA VAL A 467 -15.54 -9.95 7.39
C VAL A 467 -16.05 -10.63 8.66
N PRO A 468 -17.31 -11.04 8.72
CA PRO A 468 -17.84 -11.60 9.97
C PRO A 468 -17.04 -12.79 10.46
N GLY A 469 -16.81 -12.82 11.77
CA GLY A 469 -15.96 -13.81 12.38
C GLY A 469 -14.51 -13.40 12.55
N TYR A 470 -14.12 -12.24 12.03
CA TYR A 470 -12.75 -11.78 12.11
C TYR A 470 -12.70 -10.33 12.57
N GLN A 471 -11.67 -10.00 13.35
CA GLN A 471 -11.43 -8.62 13.80
C GLN A 471 -10.71 -7.82 12.70
N MET A 472 -11.41 -7.60 11.58
CA MET A 472 -10.84 -6.73 10.56
C MET A 472 -10.77 -5.30 11.09
N ALA A 473 -9.77 -4.56 10.63
CA ALA A 473 -9.56 -3.18 11.04
C ALA A 473 -8.93 -2.42 9.88
N GLY A 474 -9.34 -1.17 9.69
CA GLY A 474 -8.87 -0.40 8.55
C GLY A 474 -9.32 1.04 8.59
N LYS A 475 -9.11 1.73 7.47
CA LYS A 475 -9.46 3.13 7.33
C LYS A 475 -9.72 3.44 5.86
N THR A 476 -10.81 4.15 5.59
CA THR A 476 -11.21 4.62 4.27
C THR A 476 -10.56 5.98 3.99
N GLY A 477 -10.38 6.27 2.69
CA GLY A 477 -9.98 7.59 2.27
C GLY A 477 -10.70 8.04 1.01
N THR A 478 -11.05 9.33 0.97
CA THR A 478 -11.70 9.97 -0.19
C THR A 478 -11.07 11.36 -0.29
N ALA A 479 -10.10 11.50 -1.19
CA ALA A 479 -9.32 12.73 -1.33
C ALA A 479 -9.70 13.40 -2.65
N GLN A 480 -10.12 14.65 -2.56
CA GLN A 480 -10.34 15.49 -3.73
C GLN A 480 -9.05 15.62 -4.53
N GLN A 481 -9.13 15.43 -5.85
CA GLN A 481 -7.95 15.55 -6.70
C GLN A 481 -7.76 16.97 -7.21
N ILE A 482 -6.52 17.32 -7.52
CA ILE A 482 -6.16 18.62 -8.07
C ILE A 482 -6.50 18.65 -9.56
N ASN A 483 -7.13 19.73 -10.00
CA ASN A 483 -7.36 19.94 -11.42
C ASN A 483 -6.12 20.54 -12.06
N PRO A 484 -5.50 19.87 -13.04
CA PRO A 484 -4.27 20.43 -13.64
C PRO A 484 -4.49 21.73 -14.40
N GLY A 485 -5.70 21.95 -14.93
CA GLY A 485 -6.00 23.17 -15.68
C GLY A 485 -6.07 24.44 -14.85
N CYS A 486 -6.27 24.33 -13.53
CA CYS A 486 -6.37 25.51 -12.68
C CYS A 486 -5.40 25.53 -11.50
N GLY A 487 -4.66 24.45 -11.26
CA GLY A 487 -3.92 24.34 -10.02
C GLY A 487 -4.81 24.27 -8.80
N CYS A 488 -6.08 23.90 -8.97
CA CYS A 488 -7.06 23.96 -7.91
C CYS A 488 -7.85 22.65 -7.88
N TYR A 489 -8.52 22.41 -6.75
CA TYR A 489 -9.17 21.11 -6.55
C TYR A 489 -10.34 20.94 -7.49
N PHE A 490 -10.49 19.72 -8.03
CA PHE A 490 -11.73 19.34 -8.66
C PHE A 490 -12.87 19.39 -7.63
N ASP A 491 -14.08 19.29 -8.14
CA ASP A 491 -15.26 19.21 -7.30
C ASP A 491 -15.68 17.78 -7.07
N ASP A 492 -15.41 16.89 -8.04
CA ASP A 492 -15.98 15.55 -8.04
C ASP A 492 -15.02 14.51 -8.62
N VAL A 493 -13.72 14.68 -8.44
CA VAL A 493 -12.71 13.73 -8.87
C VAL A 493 -11.89 13.33 -7.64
N TYR A 494 -11.88 12.03 -7.31
CA TYR A 494 -11.30 11.55 -6.06
C TYR A 494 -10.22 10.50 -6.25
N TRP A 495 -9.26 10.48 -5.32
CA TRP A 495 -8.51 9.29 -5.01
C TRP A 495 -9.21 8.58 -3.86
N ILE A 496 -9.60 7.34 -4.10
CA ILE A 496 -10.19 6.47 -3.08
C ILE A 496 -9.12 5.52 -2.57
N THR A 497 -8.98 5.42 -1.25
CA THR A 497 -8.01 4.53 -0.62
C THR A 497 -8.69 3.69 0.44
N PHE A 498 -8.12 2.53 0.70
CA PHE A 498 -8.41 1.74 1.89
C PHE A 498 -7.11 1.10 2.33
N ALA A 499 -6.86 1.11 3.63
CA ALA A 499 -5.74 0.36 4.18
C ALA A 499 -6.26 -0.37 5.40
N GLY A 500 -5.95 -1.66 5.50
CA GLY A 500 -6.45 -2.41 6.64
C GLY A 500 -5.50 -3.51 7.06
N ILE A 501 -5.88 -4.18 8.15
CA ILE A 501 -5.06 -5.19 8.79
C ILE A 501 -5.94 -6.40 9.04
N ALA A 502 -5.46 -7.58 8.64
CA ALA A 502 -6.10 -8.85 8.96
C ALA A 502 -5.20 -9.68 9.88
N THR A 503 -5.53 -9.82 11.16
CA THR A 503 -6.62 -9.13 11.84
C THR A 503 -6.07 -8.30 13.00
N ALA A 504 -6.96 -7.60 13.69
CA ALA A 504 -6.52 -6.73 14.79
C ALA A 504 -5.93 -7.53 15.94
N ASP A 505 -6.53 -8.67 16.26
CA ASP A 505 -6.05 -9.44 17.39
C ASP A 505 -4.88 -10.32 17.01
N ASN A 506 -4.74 -10.66 15.73
CA ASN A 506 -3.61 -11.43 15.22
C ASN A 506 -3.21 -10.91 13.85
N PRO A 507 -2.39 -9.85 13.80
CA PRO A 507 -2.01 -9.27 12.51
C PRO A 507 -1.17 -10.24 11.69
N ARG A 508 -1.68 -10.58 10.50
CA ARG A 508 -0.95 -11.41 9.53
C ARG A 508 -0.72 -10.70 8.21
N TYR A 509 -1.69 -9.92 7.75
CA TYR A 509 -1.66 -9.31 6.43
C TYR A 509 -2.03 -7.85 6.53
N VAL A 510 -1.32 -7.01 5.78
CA VAL A 510 -1.64 -5.60 5.67
C VAL A 510 -1.95 -5.33 4.21
N ILE A 511 -3.09 -4.69 3.95
CA ILE A 511 -3.60 -4.53 2.61
C ILE A 511 -3.84 -3.05 2.35
N GLY A 512 -3.23 -2.52 1.29
CA GLY A 512 -3.46 -1.14 0.86
C GLY A 512 -3.99 -1.10 -0.56
N ILE A 513 -4.98 -0.24 -0.80
CA ILE A 513 -5.70 -0.18 -2.08
C ILE A 513 -5.86 1.29 -2.46
N MET A 514 -5.75 1.60 -3.75
CA MET A 514 -6.11 2.93 -4.23
CA MET A 514 -6.07 2.93 -4.24
C MET A 514 -6.84 2.80 -5.56
N LEU A 515 -7.90 3.61 -5.71
CA LEU A 515 -8.69 3.70 -6.93
C LEU A 515 -8.64 5.14 -7.43
N ASP A 516 -8.31 5.31 -8.72
CA ASP A 516 -8.21 6.63 -9.31
C ASP A 516 -9.58 6.99 -9.88
N ASN A 517 -10.30 7.83 -9.15
CA ASN A 517 -11.59 8.39 -9.56
C ASN A 517 -12.63 7.37 -10.04
N PRO A 518 -13.05 6.44 -9.18
CA PRO A 518 -14.10 5.52 -9.59
C PRO A 518 -15.45 6.22 -9.67
N ALA A 519 -16.29 5.74 -10.59
CA ALA A 519 -17.67 6.19 -10.65
C ALA A 519 -18.56 5.42 -9.68
N ARG A 520 -18.12 4.23 -9.25
CA ARG A 520 -18.90 3.32 -8.41
C ARG A 520 -17.96 2.67 -7.40
N ASN A 521 -18.55 1.92 -6.47
CA ASN A 521 -17.81 1.01 -5.58
C ASN A 521 -16.93 0.03 -6.33
N SER A 522 -15.97 -0.57 -5.61
CA SER A 522 -15.07 -1.54 -6.23
C SER A 522 -15.82 -2.80 -6.65
N ASP A 523 -17.01 -3.06 -6.10
CA ASP A 523 -17.83 -4.16 -6.59
C ASP A 523 -18.91 -3.70 -7.57
N GLY A 524 -18.91 -2.43 -7.95
CA GLY A 524 -19.83 -1.92 -8.94
C GLY A 524 -21.14 -1.40 -8.41
N ALA A 525 -21.34 -1.39 -7.09
CA ALA A 525 -22.51 -0.76 -6.50
C ALA A 525 -22.27 0.74 -6.40
N PRO A 526 -23.35 1.54 -6.29
CA PRO A 526 -23.18 3.00 -6.26
C PRO A 526 -22.34 3.41 -5.06
N GLY A 527 -21.61 4.52 -5.24
CA GLY A 527 -20.67 4.98 -4.24
C GLY A 527 -19.28 5.11 -4.80
N HIS A 528 -18.26 5.15 -3.92
CA HIS A 528 -16.89 5.41 -4.35
C HIS A 528 -15.91 4.72 -3.41
N SER A 529 -16.24 3.54 -2.94
CA SER A 529 -15.50 2.93 -1.84
C SER A 529 -14.63 1.79 -2.36
N ALA A 530 -13.46 1.64 -1.75
CA ALA A 530 -12.59 0.50 -1.94
C ALA A 530 -12.83 -0.58 -0.89
N ALA A 531 -13.69 -0.32 0.08
CA ALA A 531 -13.95 -1.30 1.13
C ALA A 531 -14.32 -2.69 0.59
N PRO A 532 -15.15 -2.85 -0.46
CA PRO A 532 -15.44 -4.22 -0.94
C PRO A 532 -14.22 -4.96 -1.45
N LEU A 533 -13.24 -4.25 -2.02
CA LEU A 533 -12.06 -4.96 -2.51
C LEU A 533 -11.21 -5.46 -1.34
N PHE A 534 -11.14 -4.67 -0.27
CA PHE A 534 -10.47 -5.17 0.93
C PHE A 534 -11.20 -6.38 1.49
N HIS A 535 -12.52 -6.31 1.55
CA HIS A 535 -13.36 -7.43 2.00
C HIS A 535 -13.01 -8.71 1.25
N ASN A 536 -12.99 -8.65 -0.08
CA ASN A 536 -12.71 -9.83 -0.90
CA ASN A 536 -12.73 -9.84 -0.87
C ASN A 536 -11.33 -10.39 -0.62
N ILE A 537 -10.31 -9.53 -0.64
CA ILE A 537 -8.93 -10.00 -0.50
C ILE A 537 -8.69 -10.52 0.92
N ALA A 538 -9.04 -9.73 1.93
CA ALA A 538 -8.75 -10.13 3.30
C ALA A 538 -9.53 -11.38 3.68
N GLY A 539 -10.78 -11.49 3.21
CA GLY A 539 -11.57 -12.67 3.49
C GLY A 539 -10.99 -13.91 2.84
N TRP A 540 -10.51 -13.78 1.60
CA TRP A 540 -9.90 -14.90 0.92
C TRP A 540 -8.59 -15.32 1.58
N LEU A 541 -7.81 -14.35 2.08
CA LEU A 541 -6.58 -14.70 2.78
C LEU A 541 -6.88 -15.46 4.06
N MET A 542 -7.97 -15.13 4.74
CA MET A 542 -8.31 -15.86 5.96
C MET A 542 -8.73 -17.29 5.63
N GLN A 543 -9.60 -17.45 4.63
CA GLN A 543 -10.11 -18.77 4.31
C GLN A 543 -9.00 -19.69 3.83
N ARG A 544 -8.14 -19.19 2.93
CA ARG A 544 -7.16 -20.07 2.31
C ARG A 544 -6.15 -20.60 3.32
N GLU A 545 -5.94 -19.90 4.44
CA GLU A 545 -5.10 -20.40 5.51
C GLU A 545 -5.90 -20.97 6.67
N ASN A 546 -7.22 -21.12 6.51
CA ASN A 546 -8.10 -21.65 7.56
C ASN A 546 -7.80 -21.00 8.91
N VAL A 547 -7.80 -19.68 8.92
CA VAL A 547 -7.71 -18.97 10.20
C VAL A 547 -9.02 -19.14 10.94
N PRO A 548 -9.00 -19.50 12.23
CA PRO A 548 -10.26 -19.68 12.96
C PRO A 548 -10.97 -18.36 13.23
N LEU A 549 -12.30 -18.45 13.34
CA LEU A 549 -13.14 -17.30 13.68
C LEU A 549 -13.02 -16.91 15.15
N GLY A 554 -15.94 -8.94 20.34
CA GLY A 554 -16.64 -8.75 21.59
C GLY A 554 -17.95 -7.97 21.47
N PRO A 555 -18.15 -6.98 22.33
CA PRO A 555 -19.33 -6.12 22.22
C PRO A 555 -19.09 -5.00 21.21
N PRO A 556 -20.16 -4.40 20.66
CA PRO A 556 -19.98 -3.38 19.63
C PRO A 556 -19.23 -2.15 20.16
N LEU A 557 -18.32 -1.63 19.34
CA LEU A 557 -17.60 -0.42 19.71
C LEU A 557 -18.56 0.76 19.69
N VAL A 558 -18.31 1.73 20.58
CA VAL A 558 -19.13 2.93 20.64
C VAL A 558 -18.40 4.07 19.94
N LEU A 559 -19.01 4.55 18.86
CA LEU A 559 -18.51 5.67 18.08
C LEU A 559 -19.18 6.98 18.45
N GLN A 560 -20.39 6.90 18.97
CA GLN A 560 -21.20 8.08 19.27
C GLN A 560 -21.89 7.80 20.60
N ALA A 561 -21.68 8.68 21.57
CA ALA A 561 -22.23 8.53 22.90
C ALA A 561 -23.64 9.12 22.92
N THR A 562 -24.16 9.42 24.11
CA THR A 562 -25.43 10.14 24.24
C THR A 562 -25.18 11.63 24.04
#